data_8HFC
#
_entry.id   8HFC
#
_cell.length_a   1.00
_cell.length_b   1.00
_cell.length_c   1.00
_cell.angle_alpha   90.00
_cell.angle_beta   90.00
_cell.angle_gamma   90.00
#
_symmetry.space_group_name_H-M   'P 1'
#
loop_
_entity.id
_entity.type
_entity.pdbx_description
1 polymer 'Palmitoyltransferase ERF2'
2 polymer 'Ras modification protein ERF4'
3 non-polymer 'PALMITIC ACID'
4 non-polymer 'ZINC ION'
#
loop_
_entity_poly.entity_id
_entity_poly.type
_entity_poly.pdbx_seq_one_letter_code
_entity_poly.pdbx_strand_id
1 'polypeptide(L)'
;MGHHHHHHHHHHHHGSDEVDAHMALVSRRSTRSESTSITKEEHTGEGSLTKLFFRWLVTLEGDQDINDGKGYISLPNVSN
YIFFLGGRFRTVKGAKPLWLGVLLAIVCPMVLFSIFEAHKLWHTQNGYKVLVIFFYYFWVITLASFIRTATSDPGVLPRN
IHLSQLRNNYQIPQEYYNLITLPTHSSISKDITIKYCPSCRIWRPPRSSHCSTCNVCVMVHDHHCIWVNNCIGKRNYRFF
LIFLLGAILSSVILLTNCAIHIARESGGPRDCPVAILLLCYAGLTLWYPAILFTYHIFMAGNQQTTREFLKGIGSKKNPV
FHRVVKEENIYNKGSFLKNMGHLMLEPRGPSFVSARKPHEAGDWRFMDLSPAHSFEKIQKI
;
A
2 'polypeptide(L)'
;MDYKDDDDKGSDYKDDDDKGSDEVDAHMCDSHQKEEDNANTSERALFFNYHEFSYSFYEDLGSEDAKPTEHDEDHKLCIT
HFPNVYAARGSAEFQVTRVVRVPRRFDESRSSLETPQFSTQLPGSEPAAIVGDDGTSFVRCGRYDIGDHVFGCSSVSPLS
EYLSAAELAEVVHRVNGFLLREEGEVFGWRNLSGLLLDMLTGGLWSWVLGPLLSRPVFQESLALEQYVAQLNSPGGLLHE
RGVRLVLPRRSGCLSLDFVVPRPK
;
B
#
loop_
_chem_comp.id
_chem_comp.type
_chem_comp.name
_chem_comp.formula
PLM non-polymer 'PALMITIC ACID' 'C16 H32 O2'
ZN non-polymer 'ZINC ION' 'Zn 2'
#
# COMPACT_ATOMS: atom_id res chain seq x y z
N PRO A 97 20.41 18.19 -5.50
CA PRO A 97 19.20 17.71 -4.83
C PRO A 97 18.48 18.82 -4.10
N LEU A 98 17.39 18.48 -3.40
CA LEU A 98 16.64 19.43 -2.61
C LEU A 98 16.47 19.02 -1.16
N TRP A 99 16.75 17.77 -0.81
CA TRP A 99 16.65 17.37 0.59
C TRP A 99 17.79 17.91 1.41
N LEU A 100 18.95 18.17 0.79
CA LEU A 100 20.06 18.74 1.54
C LEU A 100 19.75 20.15 2.02
N GLY A 101 18.93 20.88 1.27
CA GLY A 101 18.50 22.19 1.73
C GLY A 101 17.76 22.10 3.05
N VAL A 102 16.81 21.18 3.16
CA VAL A 102 16.07 21.06 4.39
C VAL A 102 16.94 20.47 5.49
N LEU A 103 17.88 19.59 5.15
CA LEU A 103 18.75 19.07 6.21
C LEU A 103 19.65 20.15 6.77
N LEU A 104 20.13 21.07 5.92
CA LEU A 104 20.90 22.19 6.43
C LEU A 104 20.02 23.13 7.25
N ALA A 105 18.79 23.36 6.80
CA ALA A 105 17.89 24.20 7.58
C ALA A 105 17.51 23.58 8.91
N ILE A 106 17.63 22.27 9.05
CA ILE A 106 17.32 21.60 10.31
C ILE A 106 18.54 21.56 11.23
N VAL A 107 19.73 21.36 10.69
CA VAL A 107 20.91 21.27 11.55
C VAL A 107 21.56 22.63 11.83
N CYS A 108 21.21 23.67 11.09
CA CYS A 108 21.85 24.97 11.31
C CYS A 108 21.45 25.60 12.63
N PRO A 109 20.15 25.73 12.99
CA PRO A 109 19.83 26.41 14.24
C PRO A 109 20.27 25.68 15.49
N MET A 110 20.62 24.40 15.41
CA MET A 110 21.23 23.74 16.56
C MET A 110 22.62 24.29 16.79
N VAL A 111 23.43 24.37 15.74
CA VAL A 111 24.80 24.83 15.89
C VAL A 111 24.83 26.28 16.36
N LEU A 112 24.03 27.13 15.72
CA LEU A 112 23.99 28.54 16.09
C LEU A 112 23.47 28.75 17.51
N PHE A 113 22.75 27.78 18.07
CA PHE A 113 22.24 27.88 19.42
C PHE A 113 23.13 27.19 20.44
N SER A 114 23.96 26.24 20.00
CA SER A 114 24.86 25.53 20.90
C SER A 114 26.26 26.09 20.90
N ILE A 115 26.55 27.07 20.06
CA ILE A 115 27.87 27.69 20.04
C ILE A 115 27.80 29.03 20.76
N PHE A 116 26.67 29.71 20.64
CA PHE A 116 26.54 31.08 21.12
C PHE A 116 25.62 31.24 22.30
N GLU A 117 24.54 30.46 22.40
CA GLU A 117 23.52 30.73 23.40
C GLU A 117 23.41 29.67 24.48
N ALA A 118 23.68 28.40 24.18
CA ALA A 118 23.44 27.39 25.20
C ALA A 118 24.59 27.34 26.20
N HIS A 119 25.02 28.51 26.65
CA HIS A 119 25.86 28.65 27.83
C HIS A 119 25.43 29.81 28.72
N LYS A 120 24.81 30.85 28.17
CA LYS A 120 24.27 31.96 28.95
C LYS A 120 22.81 31.75 29.28
N LEU A 121 22.31 30.53 29.17
CA LEU A 121 20.98 30.18 29.65
C LEU A 121 21.02 29.14 30.75
N TRP A 122 22.15 28.47 30.96
CA TRP A 122 22.29 27.56 32.08
C TRP A 122 22.37 28.31 33.41
N HIS A 123 23.33 29.22 33.52
CA HIS A 123 23.67 29.87 34.78
C HIS A 123 23.79 31.37 34.61
N THR A 124 22.80 31.99 33.97
CA THR A 124 22.78 33.43 33.78
C THR A 124 21.46 34.08 34.17
N GLN A 125 20.36 33.34 34.23
CA GLN A 125 19.02 33.85 34.50
C GLN A 125 18.47 34.67 33.34
N ASN A 126 19.10 34.56 32.17
CA ASN A 126 18.53 35.07 30.93
C ASN A 126 17.57 34.09 30.28
N GLY A 127 17.34 32.94 30.91
CA GLY A 127 16.48 31.93 30.34
C GLY A 127 16.20 30.83 31.34
N TYR A 128 15.59 29.76 30.85
CA TYR A 128 15.16 28.66 31.70
C TYR A 128 15.76 27.35 31.19
N LYS A 129 16.36 26.60 32.12
CA LYS A 129 16.92 25.30 31.77
C LYS A 129 15.84 24.38 31.21
N VAL A 130 14.61 24.48 31.70
CA VAL A 130 13.53 23.68 31.14
C VAL A 130 13.34 24.01 29.67
N LEU A 131 13.46 25.30 29.31
CA LEU A 131 13.27 25.69 27.92
C LEU A 131 14.43 25.21 27.05
N VAL A 132 15.66 25.29 27.56
CA VAL A 132 16.78 24.77 26.79
C VAL A 132 16.60 23.28 26.53
N ILE A 133 16.25 22.54 27.57
CA ILE A 133 16.10 21.09 27.44
C ILE A 133 14.99 20.75 26.46
N PHE A 134 13.86 21.45 26.55
CA PHE A 134 12.77 21.18 25.63
C PHE A 134 13.15 21.48 24.20
N PHE A 135 13.90 22.56 23.98
CA PHE A 135 14.31 22.86 22.60
C PHE A 135 15.18 21.76 22.05
N TYR A 136 16.16 21.29 22.83
CA TYR A 136 17.03 20.25 22.31
C TYR A 136 16.27 18.96 22.07
N TYR A 137 15.31 18.63 22.94
CA TYR A 137 14.54 17.42 22.76
C TYR A 137 13.69 17.48 21.50
N PHE A 138 12.98 18.60 21.29
CA PHE A 138 12.16 18.71 20.10
C PHE A 138 13.00 18.76 18.84
N TRP A 139 14.20 19.33 18.92
CA TRP A 139 15.05 19.32 17.73
C TRP A 139 15.53 17.92 17.40
N VAL A 140 15.86 17.12 18.42
CA VAL A 140 16.24 15.74 18.14
C VAL A 140 15.07 14.98 17.52
N ILE A 141 13.85 15.22 18.02
CA ILE A 141 12.68 14.58 17.45
C ILE A 141 12.53 14.95 15.99
N THR A 142 12.68 16.23 15.67
CA THR A 142 12.48 16.66 14.28
C THR A 142 13.53 16.06 13.36
N LEU A 143 14.79 16.08 13.76
CA LEU A 143 15.83 15.52 12.89
C LEU A 143 15.65 14.03 12.71
N ALA A 144 15.36 13.29 13.78
CA ALA A 144 15.19 11.85 13.66
C ALA A 144 13.99 11.50 12.81
N SER A 145 12.90 12.25 12.94
CA SER A 145 11.72 11.93 12.13
C SER A 145 11.88 12.36 10.68
N PHE A 146 12.66 13.40 10.41
CA PHE A 146 12.93 13.74 9.02
C PHE A 146 13.80 12.69 8.35
N ILE A 147 14.83 12.22 9.05
CA ILE A 147 15.63 11.12 8.51
C ILE A 147 14.74 9.89 8.30
N ARG A 148 13.84 9.63 9.23
CA ARG A 148 12.96 8.47 9.09
C ARG A 148 12.03 8.60 7.88
N THR A 149 11.38 9.75 7.72
CA THR A 149 10.52 9.95 6.57
C THR A 149 11.29 9.90 5.27
N ALA A 150 12.55 10.35 5.27
CA ALA A 150 13.31 10.35 4.03
C ALA A 150 13.89 8.99 3.69
N THR A 151 14.00 8.08 4.65
CA THR A 151 14.51 6.75 4.35
C THR A 151 13.55 5.65 4.78
N SER A 152 12.24 5.87 4.66
CA SER A 152 11.25 4.87 5.01
C SER A 152 10.54 4.36 3.77
N ASP A 153 9.72 3.32 3.97
CA ASP A 153 9.07 2.63 2.88
C ASP A 153 7.66 3.16 2.72
N PRO A 154 7.32 3.83 1.60
CA PRO A 154 5.97 4.39 1.47
C PRO A 154 4.89 3.35 1.36
N GLY A 155 5.24 2.07 1.23
CA GLY A 155 4.25 1.03 1.08
C GLY A 155 4.10 0.54 -0.34
N VAL A 156 5.22 0.36 -1.04
CA VAL A 156 5.14 0.01 -2.45
C VAL A 156 4.72 -1.43 -2.62
N LEU A 157 3.99 -1.67 -3.64
CA LEU A 157 3.47 -2.97 -4.03
C LEU A 157 4.45 -3.66 -4.98
N PRO A 158 4.56 -4.99 -4.90
CA PRO A 158 5.43 -5.70 -5.82
C PRO A 158 4.98 -5.54 -7.26
N ARG A 159 5.86 -5.88 -8.19
CA ARG A 159 5.60 -5.72 -9.61
C ARG A 159 5.28 -7.07 -10.25
N ASN A 160 4.64 -7.00 -11.41
CA ASN A 160 4.35 -8.16 -12.24
C ASN A 160 3.61 -9.26 -11.49
N ILE A 161 2.97 -8.94 -10.37
CA ILE A 161 2.20 -9.96 -9.66
C ILE A 161 1.03 -10.44 -10.49
N HIS A 162 0.54 -9.62 -11.41
CA HIS A 162 -0.58 -9.99 -12.27
C HIS A 162 -0.11 -9.89 -13.71
N LEU A 163 0.57 -10.93 -14.17
CA LEU A 163 0.85 -11.05 -15.59
C LEU A 163 -0.31 -11.74 -16.26
N SER A 164 -0.39 -11.59 -17.58
CA SER A 164 -1.49 -12.14 -18.34
C SER A 164 -1.04 -13.24 -19.30
N GLN A 165 -0.11 -12.93 -20.20
CA GLN A 165 0.25 -13.87 -21.24
C GLN A 165 1.64 -13.53 -21.72
N LEU A 166 2.40 -14.55 -22.10
CA LEU A 166 3.77 -14.39 -22.55
C LEU A 166 3.87 -14.10 -24.05
N ARG A 167 2.76 -13.80 -24.71
CA ARG A 167 2.79 -13.61 -26.15
C ARG A 167 2.91 -12.14 -26.53
N ASN A 168 3.38 -11.91 -27.76
CA ASN A 168 3.56 -10.57 -28.31
C ASN A 168 4.43 -9.72 -27.41
N ASN A 169 5.47 -10.35 -26.85
CA ASN A 169 6.38 -9.68 -25.92
C ASN A 169 5.63 -9.13 -24.71
N TYR A 170 4.89 -10.03 -24.05
CA TYR A 170 4.11 -9.69 -22.86
C TYR A 170 3.13 -8.55 -23.15
N GLN A 171 2.22 -8.80 -24.08
CA GLN A 171 1.22 -7.81 -24.45
C GLN A 171 0.02 -7.91 -23.52
N ILE A 172 -0.56 -6.76 -23.19
CA ILE A 172 -1.70 -6.70 -22.28
C ILE A 172 -2.97 -6.95 -23.07
N PRO A 173 -3.88 -7.81 -22.61
CA PRO A 173 -5.08 -8.09 -23.38
C PRO A 173 -6.03 -6.91 -23.43
N GLN A 174 -7.16 -7.06 -24.11
CA GLN A 174 -8.09 -5.94 -24.26
C GLN A 174 -8.87 -5.70 -22.98
N GLU A 175 -9.43 -6.75 -22.39
CA GLU A 175 -10.31 -6.57 -21.25
C GLU A 175 -9.61 -5.98 -20.04
N TYR A 176 -8.27 -5.91 -20.05
CA TYR A 176 -7.55 -5.35 -18.92
C TYR A 176 -7.49 -3.82 -18.98
N TYR A 177 -7.77 -3.23 -20.14
CA TYR A 177 -7.57 -1.79 -20.29
C TYR A 177 -8.72 -1.01 -19.66
N ASN A 178 -9.96 -1.30 -20.04
CA ASN A 178 -11.09 -0.53 -19.54
C ASN A 178 -11.22 -0.69 -18.03
N LEU A 179 -12.02 0.20 -17.43
CA LEU A 179 -12.24 0.16 -15.99
C LEU A 179 -13.10 -1.05 -15.63
N ILE A 180 -13.06 -1.41 -14.34
CA ILE A 180 -13.91 -2.47 -13.81
C ILE A 180 -14.63 -1.93 -12.60
N THR A 181 -15.95 -2.02 -12.60
CA THR A 181 -16.77 -1.54 -11.49
C THR A 181 -17.26 -2.71 -10.66
N LEU A 182 -16.99 -2.69 -9.36
CA LEU A 182 -17.33 -3.75 -8.43
C LEU A 182 -18.22 -3.22 -7.31
N PRO A 183 -19.12 -4.05 -6.80
CA PRO A 183 -20.02 -3.61 -5.74
C PRO A 183 -19.37 -3.64 -4.38
N THR A 184 -19.74 -2.67 -3.55
CA THR A 184 -19.33 -2.62 -2.17
C THR A 184 -20.44 -3.23 -1.31
N HIS A 185 -20.32 -3.09 0.00
CA HIS A 185 -21.28 -3.65 0.94
C HIS A 185 -22.68 -3.11 0.68
N SER A 186 -23.66 -3.74 1.31
CA SER A 186 -25.04 -3.29 1.18
C SER A 186 -25.25 -1.90 1.78
N SER A 187 -24.40 -1.49 2.72
CA SER A 187 -24.55 -0.19 3.35
C SER A 187 -24.11 0.94 2.42
N ILE A 188 -22.83 0.94 2.04
CA ILE A 188 -22.31 2.00 1.18
C ILE A 188 -23.03 1.94 -0.15
N SER A 189 -23.72 3.04 -0.49
CA SER A 189 -24.62 3.04 -1.65
C SER A 189 -23.90 3.23 -2.97
N LYS A 190 -22.58 3.37 -2.97
CA LYS A 190 -21.84 3.66 -4.20
C LYS A 190 -20.90 2.52 -4.51
N ASP A 191 -20.87 2.10 -5.78
CA ASP A 191 -19.94 1.09 -6.22
C ASP A 191 -18.53 1.67 -6.28
N ILE A 192 -17.55 0.80 -6.56
CA ILE A 192 -16.16 1.24 -6.63
C ILE A 192 -15.60 0.87 -7.99
N THR A 193 -14.56 1.58 -8.40
CA THR A 193 -13.91 1.36 -9.67
C THR A 193 -12.47 0.88 -9.45
N ILE A 194 -11.96 0.13 -10.41
CA ILE A 194 -10.65 -0.49 -10.28
C ILE A 194 -10.01 -0.54 -11.65
N LYS A 195 -8.68 -0.36 -11.67
CA LYS A 195 -7.92 -0.14 -12.89
C LYS A 195 -6.67 -0.99 -12.89
N TYR A 196 -6.09 -1.19 -14.06
CA TYR A 196 -4.94 -2.08 -14.26
C TYR A 196 -3.73 -1.25 -14.69
N CYS A 197 -2.83 -1.01 -13.76
CA CYS A 197 -1.66 -0.19 -14.06
C CYS A 197 -0.75 -0.91 -15.04
N PRO A 198 -0.60 -0.43 -16.28
CA PRO A 198 0.16 -1.17 -17.29
C PRO A 198 1.68 -1.09 -17.13
N SER A 199 2.18 -0.43 -16.09
CA SER A 199 3.62 -0.40 -15.86
C SER A 199 4.05 -1.52 -14.91
N CYS A 200 3.45 -1.56 -13.71
CA CYS A 200 3.75 -2.61 -12.76
C CYS A 200 2.95 -3.89 -13.02
N ARG A 201 1.91 -3.82 -13.84
CA ARG A 201 1.11 -4.98 -14.20
C ARG A 201 0.45 -5.61 -12.98
N ILE A 202 -0.16 -4.78 -12.15
CA ILE A 202 -0.96 -5.26 -11.02
C ILE A 202 -2.31 -4.57 -11.10
N TRP A 203 -3.33 -5.22 -10.55
CA TRP A 203 -4.64 -4.59 -10.42
C TRP A 203 -4.62 -3.71 -9.18
N ARG A 204 -4.59 -2.40 -9.39
CA ARG A 204 -4.39 -1.47 -8.30
C ARG A 204 -5.46 -1.68 -7.23
N PRO A 205 -5.07 -1.85 -5.97
CA PRO A 205 -6.06 -1.79 -4.89
C PRO A 205 -6.68 -0.41 -4.83
N PRO A 206 -7.82 -0.27 -4.16
CA PRO A 206 -8.42 1.07 -4.03
C PRO A 206 -7.47 2.04 -3.35
N ARG A 207 -7.44 3.26 -3.86
CA ARG A 207 -6.68 4.38 -3.32
C ARG A 207 -5.18 4.27 -3.53
N SER A 208 -4.73 3.37 -4.38
CA SER A 208 -3.32 3.30 -4.73
C SER A 208 -3.06 4.16 -5.96
N SER A 209 -1.81 4.52 -6.19
CA SER A 209 -1.50 5.31 -7.37
C SER A 209 -0.06 5.08 -7.79
N HIS A 210 0.27 5.61 -8.96
CA HIS A 210 1.57 5.39 -9.59
C HIS A 210 2.42 6.64 -9.48
N CYS A 211 3.69 6.48 -9.11
CA CYS A 211 4.59 7.63 -9.06
C CYS A 211 5.48 7.60 -10.30
N SER A 212 5.42 8.67 -11.09
CA SER A 212 6.18 8.70 -12.33
C SER A 212 7.67 8.89 -12.11
N THR A 213 8.10 9.20 -10.89
CA THR A 213 9.50 9.41 -10.61
C THR A 213 10.19 8.13 -10.11
N CYS A 214 9.69 7.58 -9.00
CA CYS A 214 10.24 6.33 -8.48
C CYS A 214 9.79 5.13 -9.29
N ASN A 215 8.70 5.24 -10.04
CA ASN A 215 8.17 4.18 -10.88
C ASN A 215 7.72 2.98 -10.04
N VAL A 216 6.92 3.26 -9.01
CA VAL A 216 6.27 2.22 -8.22
C VAL A 216 4.85 2.69 -7.89
N CYS A 217 4.02 1.72 -7.47
CA CYS A 217 2.62 1.96 -7.17
C CYS A 217 2.43 1.97 -5.65
N VAL A 218 2.28 3.14 -5.08
CA VAL A 218 2.15 3.30 -3.65
C VAL A 218 0.73 3.02 -3.21
N MET A 219 0.59 2.59 -1.94
CA MET A 219 -0.61 1.92 -1.47
C MET A 219 -1.74 2.90 -1.21
N VAL A 220 -1.50 3.93 -0.43
CA VAL A 220 -2.45 5.04 -0.27
C VAL A 220 -1.68 6.29 -0.60
N HIS A 221 -1.68 6.67 -1.86
CA HIS A 221 -0.78 7.70 -2.34
C HIS A 221 -1.27 9.08 -1.94
N ASP A 222 -0.39 9.87 -1.35
CA ASP A 222 -0.69 11.27 -1.05
C ASP A 222 -0.05 12.21 -2.07
N HIS A 223 1.27 12.18 -2.18
CA HIS A 223 2.00 13.00 -3.14
C HIS A 223 3.47 12.64 -3.03
N HIS A 224 4.24 13.05 -4.02
CA HIS A 224 5.68 12.78 -4.04
C HIS A 224 6.39 13.99 -3.47
N CYS A 225 6.62 13.98 -2.15
CA CYS A 225 7.25 15.14 -1.52
C CYS A 225 8.69 15.23 -1.99
N ILE A 226 9.03 16.36 -2.61
CA ILE A 226 10.36 16.55 -3.17
C ILE A 226 11.39 16.81 -2.08
N TRP A 227 11.03 17.59 -1.07
CA TRP A 227 11.96 17.93 0.00
C TRP A 227 12.40 16.67 0.74
N VAL A 228 11.46 15.92 1.30
CA VAL A 228 11.80 14.64 1.91
C VAL A 228 12.37 13.69 0.87
N ASN A 229 12.00 13.87 -0.40
CA ASN A 229 12.46 13.04 -1.52
C ASN A 229 11.82 11.66 -1.53
N ASN A 230 10.56 11.57 -1.15
CA ASN A 230 9.90 10.28 -1.05
C ASN A 230 8.41 10.45 -1.31
N CYS A 231 7.74 9.35 -1.62
CA CYS A 231 6.30 9.35 -1.76
C CYS A 231 5.68 9.20 -0.38
N ILE A 232 4.71 10.05 -0.05
CA ILE A 232 4.08 9.99 1.26
C ILE A 232 2.90 9.03 1.14
N GLY A 233 3.12 7.76 1.49
CA GLY A 233 2.13 6.75 1.26
C GLY A 233 1.23 6.47 2.45
N LYS A 234 1.14 5.20 2.83
CA LYS A 234 0.37 4.79 3.98
C LYS A 234 1.22 4.38 5.16
N ARG A 235 2.41 3.85 4.91
CA ARG A 235 3.26 3.34 5.97
C ARG A 235 4.25 4.37 6.49
N ASN A 236 4.24 5.60 5.97
CA ASN A 236 5.06 6.65 6.55
C ASN A 236 4.32 7.98 6.63
N TYR A 237 3.00 7.97 6.47
CA TYR A 237 2.23 9.19 6.69
C TYR A 237 2.35 9.68 8.12
N ARG A 238 2.32 8.76 9.08
CA ARG A 238 2.46 9.18 10.47
C ARG A 238 3.81 9.84 10.70
N PHE A 239 4.86 9.36 10.04
CA PHE A 239 6.15 9.98 10.21
C PHE A 239 6.20 11.36 9.57
N PHE A 240 5.58 11.52 8.40
CA PHE A 240 5.50 12.85 7.82
C PHE A 240 4.79 13.83 8.76
N LEU A 241 3.69 13.40 9.35
CA LEU A 241 2.96 14.28 10.26
C LEU A 241 3.78 14.59 11.51
N ILE A 242 4.49 13.59 12.03
CA ILE A 242 5.34 13.84 13.19
C ILE A 242 6.44 14.84 12.85
N PHE A 243 6.93 14.80 11.62
CA PHE A 243 7.94 15.77 11.21
C PHE A 243 7.37 17.18 11.19
N LEU A 244 6.19 17.35 10.60
CA LEU A 244 5.60 18.68 10.57
C LEU A 244 5.33 19.20 11.98
N LEU A 245 4.82 18.33 12.85
CA LEU A 245 4.51 18.76 14.21
C LEU A 245 5.78 19.11 14.99
N GLY A 246 6.81 18.29 14.87
CA GLY A 246 8.06 18.60 15.53
C GLY A 246 8.67 19.89 15.02
N ALA A 247 8.56 20.15 13.72
CA ALA A 247 9.09 21.41 13.20
C ALA A 247 8.36 22.60 13.80
N ILE A 248 7.02 22.53 13.85
CA ILE A 248 6.25 23.62 14.45
C ILE A 248 6.67 23.83 15.90
N LEU A 249 6.77 22.74 16.67
CA LEU A 249 7.05 22.88 18.09
C LEU A 249 8.46 23.37 18.34
N SER A 250 9.45 22.85 17.60
CA SER A 250 10.81 23.33 17.77
C SER A 250 10.93 24.80 17.43
N SER A 251 10.27 25.23 16.34
CA SER A 251 10.33 26.65 15.99
C SER A 251 9.71 27.50 17.08
N VAL A 252 8.56 27.09 17.63
CA VAL A 252 7.93 27.90 18.66
C VAL A 252 8.79 27.97 19.91
N ILE A 253 9.42 26.85 20.28
CA ILE A 253 10.21 26.85 21.52
C ILE A 253 11.48 27.66 21.34
N LEU A 254 12.11 27.58 20.18
CA LEU A 254 13.28 28.42 19.92
C LEU A 254 12.88 29.89 19.89
N LEU A 255 11.69 30.18 19.37
CA LEU A 255 11.22 31.56 19.33
C LEU A 255 11.04 32.11 20.74
N THR A 256 10.35 31.37 21.60
CA THR A 256 10.15 31.88 22.96
C THR A 256 11.46 31.93 23.74
N ASN A 257 12.37 31.00 23.49
CA ASN A 257 13.69 31.05 24.12
C ASN A 257 14.44 32.32 23.74
N CYS A 258 14.55 32.58 22.43
CA CYS A 258 15.26 33.78 22.01
C CYS A 258 14.54 35.04 22.46
N ALA A 259 13.20 35.00 22.57
CA ALA A 259 12.48 36.19 23.02
C ALA A 259 12.76 36.47 24.50
N ILE A 260 12.69 35.44 25.34
CA ILE A 260 12.99 35.67 26.76
C ILE A 260 14.46 36.04 26.94
N HIS A 261 15.33 35.63 26.02
CA HIS A 261 16.73 36.05 26.14
C HIS A 261 16.91 37.51 25.75
N ILE A 262 16.33 37.94 24.63
CA ILE A 262 16.50 39.32 24.18
C ILE A 262 15.79 40.28 25.12
N ALA A 263 14.74 39.82 25.79
CA ALA A 263 13.99 40.72 26.67
C ALA A 263 14.68 40.95 28.00
N ARG A 264 15.62 40.08 28.39
CA ARG A 264 16.24 40.15 29.71
C ARG A 264 17.70 40.56 29.69
N GLU A 265 18.28 40.81 28.51
CA GLU A 265 19.64 41.29 28.44
C GLU A 265 19.66 42.80 28.65
N SER A 266 20.52 43.26 29.56
CA SER A 266 20.54 44.68 29.92
C SER A 266 21.33 45.52 28.93
N GLY A 267 22.41 44.97 28.38
CA GLY A 267 23.27 45.75 27.50
C GLY A 267 22.65 46.17 26.18
N GLY A 268 21.42 45.76 25.91
CA GLY A 268 20.75 46.15 24.68
C GLY A 268 21.09 45.21 23.53
N PRO A 269 20.32 45.31 22.44
CA PRO A 269 20.54 44.41 21.30
C PRO A 269 21.88 44.58 20.63
N ARG A 270 22.72 45.47 21.14
CA ARG A 270 24.05 45.69 20.58
C ARG A 270 25.09 44.72 21.11
N ASP A 271 24.68 43.69 21.86
CA ASP A 271 25.61 42.69 22.38
C ASP A 271 25.12 41.27 22.17
N CYS A 272 24.00 41.08 21.47
CA CYS A 272 23.50 39.74 21.15
C CYS A 272 22.81 39.80 19.80
N PRO A 273 23.57 39.76 18.71
CA PRO A 273 22.96 39.76 17.38
C PRO A 273 22.51 38.37 16.95
N VAL A 274 23.19 37.36 17.49
CA VAL A 274 22.87 35.99 17.10
C VAL A 274 21.49 35.60 17.62
N ALA A 275 21.08 36.15 18.76
CA ALA A 275 19.73 35.90 19.25
C ALA A 275 18.70 36.44 18.28
N ILE A 276 18.95 37.63 17.71
CA ILE A 276 18.02 38.20 16.76
C ILE A 276 18.00 37.40 15.46
N LEU A 277 19.17 36.94 15.02
CA LEU A 277 19.22 36.07 13.85
C LEU A 277 18.39 34.82 14.08
N LEU A 278 18.57 34.16 15.21
CA LEU A 278 17.81 32.95 15.50
C LEU A 278 16.32 33.25 15.60
N LEU A 279 15.96 34.39 16.18
CA LEU A 279 14.56 34.77 16.26
C LEU A 279 13.96 34.91 14.87
N CYS A 280 14.67 35.58 13.97
CA CYS A 280 14.15 35.76 12.62
C CYS A 280 14.04 34.43 11.89
N TYR A 281 15.05 33.57 12.04
CA TYR A 281 15.02 32.29 11.35
C TYR A 281 13.90 31.41 11.89
N ALA A 282 13.64 31.46 13.19
CA ALA A 282 12.54 30.69 13.75
C ALA A 282 11.21 31.23 13.28
N GLY A 283 11.03 32.55 13.32
CA GLY A 283 9.80 33.14 12.81
C GLY A 283 9.58 32.90 11.34
N LEU A 284 10.64 32.62 10.58
CA LEU A 284 10.48 32.33 9.16
C LEU A 284 10.20 30.85 8.89
N THR A 285 10.78 29.94 9.68
CA THR A 285 10.50 28.52 9.49
C THR A 285 9.35 28.04 10.36
N LEU A 286 8.65 28.93 11.04
CA LEU A 286 7.42 28.56 11.72
C LEU A 286 6.22 28.62 10.80
N TRP A 287 6.30 29.37 9.71
CA TRP A 287 5.12 29.56 8.87
C TRP A 287 4.82 28.34 8.02
N TYR A 288 5.75 27.96 7.13
CA TYR A 288 5.43 26.95 6.12
C TYR A 288 5.05 25.60 6.71
N PRO A 289 5.71 25.08 7.74
CA PRO A 289 5.16 23.86 8.37
C PRO A 289 3.78 24.05 8.96
N ALA A 290 3.46 25.21 9.52
CA ALA A 290 2.11 25.42 10.04
C ALA A 290 1.09 25.42 8.92
N ILE A 291 1.42 26.05 7.80
CA ILE A 291 0.52 26.08 6.66
C ILE A 291 0.30 24.67 6.12
N LEU A 292 1.37 23.88 6.03
CA LEU A 292 1.21 22.51 5.54
C LEU A 292 0.40 21.67 6.52
N PHE A 293 0.61 21.85 7.82
CA PHE A 293 -0.15 21.07 8.79
C PHE A 293 -1.63 21.42 8.75
N THR A 294 -1.96 22.70 8.60
CA THR A 294 -3.37 23.06 8.56
C THR A 294 -4.01 22.60 7.25
N TYR A 295 -3.29 22.67 6.14
CA TYR A 295 -3.80 22.10 4.91
C TYR A 295 -4.08 20.63 5.05
N HIS A 296 -3.18 19.89 5.70
CA HIS A 296 -3.39 18.45 5.82
C HIS A 296 -4.52 18.12 6.79
N ILE A 297 -4.71 18.93 7.84
CA ILE A 297 -5.86 18.72 8.71
C ILE A 297 -7.15 18.93 7.95
N PHE A 298 -7.23 20.00 7.15
CA PHE A 298 -8.45 20.25 6.40
C PHE A 298 -8.68 19.19 5.33
N MET A 299 -7.62 18.67 4.72
CA MET A 299 -7.77 17.56 3.79
C MET A 299 -8.34 16.34 4.51
N ALA A 300 -7.59 15.82 5.49
CA ALA A 300 -8.02 14.63 6.22
C ALA A 300 -9.32 14.84 6.97
N GLY A 301 -9.87 16.04 6.99
CA GLY A 301 -11.18 16.23 7.55
C GLY A 301 -12.33 15.80 6.67
N ASN A 302 -12.03 15.38 5.44
CA ASN A 302 -13.05 14.86 4.53
C ASN A 302 -12.57 13.62 3.82
N GLN A 303 -11.64 12.91 4.44
CA GLN A 303 -11.05 11.68 3.91
C GLN A 303 -10.59 11.89 2.47
N GLN A 304 -9.64 12.80 2.32
CA GLN A 304 -9.12 13.15 1.00
C GLN A 304 -7.61 13.25 1.10
N THR A 305 -6.91 12.40 0.38
CA THR A 305 -5.49 12.56 0.21
C THR A 305 -5.22 13.67 -0.81
N THR A 306 -4.05 14.29 -0.70
CA THR A 306 -3.75 15.45 -1.52
C THR A 306 -3.94 15.17 -3.00
N ARG A 307 -3.55 13.98 -3.44
CA ARG A 307 -3.80 13.59 -4.82
C ARG A 307 -5.28 13.64 -5.16
N GLU A 308 -6.12 13.10 -4.27
CA GLU A 308 -7.56 13.11 -4.51
C GLU A 308 -8.10 14.52 -4.56
N PHE A 309 -7.60 15.40 -3.70
CA PHE A 309 -8.07 16.78 -3.68
C PHE A 309 -7.72 17.49 -4.97
N LEU A 310 -6.45 17.46 -5.36
CA LEU A 310 -6.03 18.11 -6.60
C LEU A 310 -6.66 17.47 -7.82
N LYS A 311 -7.09 16.21 -7.72
CA LYS A 311 -7.83 15.61 -8.83
C LYS A 311 -9.24 16.15 -8.90
N GLY A 312 -9.96 16.09 -7.77
CA GLY A 312 -11.32 16.59 -7.72
C GLY A 312 -11.45 18.09 -7.88
N ILE A 313 -10.32 18.82 -7.91
CA ILE A 313 -10.39 20.26 -8.18
C ILE A 313 -10.99 20.54 -9.55
N GLY A 314 -10.97 19.57 -10.46
CA GLY A 314 -11.71 19.71 -11.71
C GLY A 314 -11.16 20.82 -12.57
N SER A 315 -12.06 21.69 -13.03
CA SER A 315 -11.69 22.82 -13.88
C SER A 315 -11.35 24.07 -13.08
N LYS A 316 -11.85 24.19 -11.85
CA LYS A 316 -11.46 25.29 -10.98
C LYS A 316 -10.02 25.08 -10.52
N LYS A 317 -9.21 26.13 -10.63
CA LYS A 317 -7.78 26.06 -10.33
C LYS A 317 -7.44 26.85 -9.06
N ASN A 318 -8.32 26.80 -8.07
CA ASN A 318 -8.10 27.47 -6.79
C ASN A 318 -7.75 26.43 -5.73
N PRO A 319 -6.47 26.22 -5.42
CA PRO A 319 -6.09 25.18 -4.47
C PRO A 319 -6.18 25.59 -3.00
N VAL A 320 -6.80 26.72 -2.69
CA VAL A 320 -6.84 27.25 -1.33
C VAL A 320 -8.24 27.13 -0.72
N PHE A 321 -9.22 27.79 -1.34
CA PHE A 321 -10.55 27.91 -0.77
C PHE A 321 -11.60 27.06 -1.51
N HIS A 322 -11.19 25.90 -2.01
CA HIS A 322 -12.15 24.95 -2.54
C HIS A 322 -12.92 24.30 -1.41
N ARG A 323 -14.19 23.99 -1.66
CA ARG A 323 -15.03 23.32 -0.66
C ARG A 323 -14.48 21.93 -0.42
N VAL A 324 -13.80 21.75 0.71
CA VAL A 324 -13.10 20.51 0.99
C VAL A 324 -14.03 19.31 1.14
N VAL A 325 -15.33 19.54 1.22
CA VAL A 325 -16.31 18.48 1.47
C VAL A 325 -16.93 18.06 0.15
N LYS A 326 -17.24 16.77 0.03
CA LYS A 326 -17.94 16.21 -1.13
C LYS A 326 -19.02 15.25 -0.62
N GLU A 327 -19.89 14.84 -1.54
CA GLU A 327 -21.05 14.02 -1.20
C GLU A 327 -20.93 12.58 -1.69
N GLU A 328 -19.84 12.25 -2.40
CA GLU A 328 -19.68 10.93 -3.00
C GLU A 328 -18.47 10.19 -2.44
N ASN A 329 -18.08 10.53 -1.20
CA ASN A 329 -16.95 9.88 -0.57
C ASN A 329 -17.37 8.49 -0.12
N ILE A 330 -16.86 7.46 -0.79
CA ILE A 330 -17.09 6.10 -0.32
C ILE A 330 -16.42 5.89 1.03
N TYR A 331 -15.25 6.49 1.22
CA TYR A 331 -14.47 6.30 2.43
C TYR A 331 -14.84 7.27 3.54
N ASN A 332 -16.03 7.84 3.51
CA ASN A 332 -16.44 8.73 4.58
C ASN A 332 -16.81 7.93 5.82
N LYS A 333 -16.68 8.57 6.99
CA LYS A 333 -16.96 7.90 8.25
C LYS A 333 -18.01 8.61 9.10
N GLY A 334 -18.30 9.87 8.86
CA GLY A 334 -19.38 10.52 9.55
C GLY A 334 -19.10 11.91 10.08
N SER A 335 -17.87 12.18 10.51
CA SER A 335 -17.58 13.46 11.12
C SER A 335 -16.12 13.81 10.90
N PHE A 336 -15.80 15.08 11.16
CA PHE A 336 -14.43 15.57 11.03
C PHE A 336 -13.48 14.79 11.93
N LEU A 337 -13.89 14.56 13.18
CA LEU A 337 -13.03 13.87 14.13
C LEU A 337 -12.70 12.46 13.65
N LYS A 338 -13.73 11.69 13.31
CA LYS A 338 -13.49 10.31 12.89
C LYS A 338 -12.73 10.26 11.57
N ASN A 339 -12.98 11.20 10.66
CA ASN A 339 -12.24 11.21 9.41
C ASN A 339 -10.76 11.44 9.66
N MET A 340 -10.44 12.43 10.50
CA MET A 340 -9.04 12.65 10.85
C MET A 340 -8.44 11.41 11.49
N GLY A 341 -9.16 10.79 12.41
CA GLY A 341 -8.63 9.63 13.11
C GLY A 341 -8.40 8.44 12.21
N HIS A 342 -9.23 8.27 11.19
CA HIS A 342 -9.06 7.13 10.30
C HIS A 342 -8.09 7.41 9.16
N LEU A 343 -7.77 8.67 8.88
CA LEU A 343 -6.79 8.94 7.83
C LEU A 343 -5.38 9.11 8.37
N MET A 344 -5.22 9.81 9.50
CA MET A 344 -3.87 10.09 9.99
C MET A 344 -3.32 8.94 10.82
N LEU A 345 -4.16 8.30 11.63
CA LEU A 345 -3.72 7.24 12.52
C LEU A 345 -3.86 5.85 11.92
N GLU A 346 -3.77 5.73 10.60
CA GLU A 346 -4.06 4.47 9.96
C GLU A 346 -2.99 3.44 10.31
N PRO A 347 -3.37 2.17 10.49
CA PRO A 347 -2.36 1.15 10.81
C PRO A 347 -1.40 0.96 9.66
N ARG A 348 -0.13 0.74 10.01
CA ARG A 348 0.90 0.63 8.98
C ARG A 348 0.73 -0.65 8.18
N GLY A 349 0.58 -1.79 8.84
CA GLY A 349 0.45 -3.05 8.16
C GLY A 349 1.78 -3.58 7.72
N PRO A 350 1.82 -4.83 7.27
CA PRO A 350 3.09 -5.45 6.90
C PRO A 350 3.72 -4.76 5.70
N SER A 351 5.01 -5.01 5.51
CA SER A 351 5.77 -4.42 4.43
C SER A 351 5.97 -5.44 3.32
N PHE A 352 5.57 -5.08 2.10
CA PHE A 352 5.48 -6.04 1.01
C PHE A 352 6.77 -6.18 0.20
N VAL A 353 7.71 -5.25 0.33
CA VAL A 353 8.96 -5.32 -0.41
C VAL A 353 10.09 -5.54 0.60
N SER A 354 10.84 -6.62 0.40
CA SER A 354 11.92 -7.00 1.32
C SER A 354 12.60 -8.25 0.76
N ALA A 355 13.72 -8.60 1.39
CA ALA A 355 14.45 -9.83 1.13
C ALA A 355 14.82 -9.96 -0.35
N ARG A 356 15.66 -9.02 -0.81
CA ARG A 356 16.09 -9.01 -2.19
C ARG A 356 17.28 -9.95 -2.35
N LYS A 357 17.07 -11.08 -3.03
CA LYS A 357 18.12 -12.02 -3.39
C LYS A 357 18.26 -12.01 -4.90
N PRO A 358 19.03 -11.07 -5.47
CA PRO A 358 19.06 -10.94 -6.94
C PRO A 358 19.68 -12.13 -7.65
N HIS A 359 20.33 -13.06 -6.95
CA HIS A 359 20.92 -14.23 -7.59
C HIS A 359 19.85 -15.28 -7.88
N GLU A 360 18.83 -14.84 -8.62
CA GLU A 360 17.76 -15.71 -9.09
C GLU A 360 17.04 -16.42 -7.94
N ALA A 361 16.61 -15.63 -6.96
CA ALA A 361 15.80 -16.13 -5.85
C ALA A 361 14.73 -15.08 -5.59
N GLY A 362 13.50 -15.37 -6.01
CA GLY A 362 12.44 -14.37 -5.97
C GLY A 362 12.50 -13.43 -7.16
N ASP A 363 12.36 -13.99 -8.36
CA ASP A 363 12.47 -13.22 -9.59
C ASP A 363 11.08 -12.78 -10.07
N TRP A 364 11.03 -12.18 -11.26
CA TRP A 364 9.83 -11.66 -11.91
C TRP A 364 9.26 -10.45 -11.18
N ARG A 365 9.80 -10.13 -10.01
CA ARG A 365 9.42 -8.91 -9.30
C ARG A 365 10.52 -7.87 -9.37
N PHE A 366 11.58 -8.15 -10.12
CA PHE A 366 12.65 -7.19 -10.38
C PHE A 366 12.99 -7.04 -11.85
N MET A 367 12.61 -8.00 -12.69
CA MET A 367 12.94 -7.94 -14.10
C MET A 367 12.16 -6.81 -14.78
N ASP A 368 12.86 -5.98 -15.54
CA ASP A 368 12.21 -4.92 -16.28
C ASP A 368 11.41 -5.52 -17.42
N LEU A 369 10.12 -5.78 -17.17
CA LEU A 369 9.25 -6.38 -18.16
C LEU A 369 8.48 -5.36 -18.96
N SER A 370 9.02 -4.16 -19.14
CA SER A 370 8.36 -3.16 -19.94
C SER A 370 8.31 -3.59 -21.40
N PRO A 371 7.35 -3.07 -22.18
CA PRO A 371 7.21 -3.50 -23.58
C PRO A 371 8.45 -3.29 -24.43
N ALA A 372 9.43 -2.52 -23.97
CA ALA A 372 10.67 -2.34 -24.70
C ALA A 372 11.83 -3.01 -23.97
N GLU B 43 -29.92 -2.37 -9.62
CA GLU B 43 -29.01 -1.31 -10.04
C GLU B 43 -27.57 -1.65 -9.65
N ARG B 44 -27.43 -2.46 -8.61
CA ARG B 44 -26.11 -2.84 -8.13
C ARG B 44 -25.38 -3.67 -9.18
N ALA B 45 -24.14 -3.29 -9.48
CA ALA B 45 -23.32 -4.05 -10.41
C ALA B 45 -22.88 -5.35 -9.76
N LEU B 46 -22.95 -6.44 -10.51
CA LEU B 46 -22.63 -7.75 -9.97
C LEU B 46 -21.13 -8.01 -10.01
N PHE B 47 -20.63 -8.65 -8.96
CA PHE B 47 -19.21 -8.99 -8.89
C PHE B 47 -18.91 -10.18 -9.78
N PHE B 48 -17.73 -10.16 -10.41
CA PHE B 48 -17.30 -11.23 -11.28
C PHE B 48 -15.79 -11.36 -11.18
N ASN B 49 -15.27 -12.51 -11.62
CA ASN B 49 -13.84 -12.74 -11.59
C ASN B 49 -13.20 -11.85 -12.64
N TYR B 50 -12.66 -10.72 -12.22
CA TYR B 50 -12.17 -9.72 -13.15
C TYR B 50 -10.74 -9.96 -13.59
N HIS B 51 -10.18 -11.13 -13.33
CA HIS B 51 -8.88 -11.48 -13.87
C HIS B 51 -8.99 -12.13 -15.23
N GLU B 52 -10.09 -12.81 -15.50
CA GLU B 52 -10.24 -13.60 -16.71
C GLU B 52 -10.56 -12.71 -17.90
N PHE B 53 -9.94 -13.02 -19.04
CA PHE B 53 -10.23 -12.36 -20.30
C PHE B 53 -10.46 -13.43 -21.35
N SER B 54 -11.18 -13.07 -22.40
CA SER B 54 -11.63 -14.02 -23.40
C SER B 54 -10.97 -13.75 -24.75
N TYR B 55 -11.09 -14.73 -25.64
CA TYR B 55 -10.55 -14.61 -26.98
C TYR B 55 -11.31 -15.53 -27.93
N SER B 56 -11.32 -15.16 -29.21
CA SER B 56 -12.07 -15.90 -30.23
C SER B 56 -11.19 -16.63 -31.22
N PHE B 57 -9.97 -16.15 -31.47
CA PHE B 57 -9.04 -16.80 -32.39
C PHE B 57 -8.23 -17.82 -31.59
N TYR B 58 -8.60 -19.09 -31.69
CA TYR B 58 -7.94 -20.15 -30.93
C TYR B 58 -8.05 -21.45 -31.71
N GLU B 59 -7.53 -22.53 -31.13
CA GLU B 59 -7.52 -23.83 -31.80
C GLU B 59 -8.31 -24.84 -30.99
N ASP B 60 -9.38 -25.37 -31.58
CA ASP B 60 -10.19 -26.35 -30.87
C ASP B 60 -9.40 -27.62 -30.58
N LEU B 61 -9.93 -28.44 -29.68
CA LEU B 61 -9.33 -29.71 -29.32
C LEU B 61 -10.09 -30.86 -29.96
N GLY B 62 -9.40 -32.00 -30.08
CA GLY B 62 -9.94 -33.20 -30.69
C GLY B 62 -9.34 -33.52 -32.04
N SER B 63 -8.94 -32.49 -32.79
CA SER B 63 -8.31 -32.66 -34.09
C SER B 63 -6.91 -32.10 -34.03
N GLU B 64 -5.93 -32.92 -34.41
CA GLU B 64 -4.54 -32.47 -34.41
C GLU B 64 -4.28 -31.33 -35.38
N ASP B 65 -5.13 -31.19 -36.41
CA ASP B 65 -4.96 -30.17 -37.44
C ASP B 65 -5.83 -28.94 -37.18
N ALA B 66 -6.07 -28.60 -35.91
CA ALA B 66 -6.84 -27.41 -35.60
C ALA B 66 -6.04 -26.15 -35.91
N LYS B 67 -6.69 -25.19 -36.56
CA LYS B 67 -6.11 -23.92 -36.95
C LYS B 67 -6.91 -22.79 -36.31
N PRO B 68 -6.32 -21.61 -36.13
CA PRO B 68 -7.04 -20.51 -35.45
C PRO B 68 -8.16 -19.98 -36.33
N THR B 69 -9.39 -20.11 -35.86
CA THR B 69 -10.57 -19.64 -36.56
C THR B 69 -11.48 -18.90 -35.59
N GLU B 70 -12.46 -18.18 -36.14
CA GLU B 70 -13.45 -17.48 -35.34
C GLU B 70 -14.65 -18.39 -35.09
N HIS B 71 -15.09 -18.46 -33.85
CA HIS B 71 -16.18 -19.32 -33.44
C HIS B 71 -17.29 -18.52 -32.79
N ASP B 72 -18.41 -19.18 -32.55
CA ASP B 72 -19.52 -18.55 -31.85
C ASP B 72 -19.12 -18.21 -30.42
N GLU B 73 -19.81 -17.21 -29.85
CA GLU B 73 -19.52 -16.79 -28.49
C GLU B 73 -19.70 -17.92 -27.50
N ASP B 74 -20.65 -18.82 -27.74
CA ASP B 74 -20.87 -19.95 -26.85
C ASP B 74 -19.66 -20.88 -26.80
N HIS B 75 -18.75 -20.79 -27.77
CA HIS B 75 -17.51 -21.54 -27.77
C HIS B 75 -16.31 -20.60 -27.68
N LYS B 76 -16.49 -19.46 -27.04
CA LYS B 76 -15.42 -18.48 -26.90
C LYS B 76 -14.45 -18.90 -25.80
N LEU B 77 -13.16 -18.71 -26.05
CA LEU B 77 -12.15 -19.13 -25.10
C LEU B 77 -12.05 -18.16 -23.92
N CYS B 78 -11.80 -18.72 -22.75
CA CYS B 78 -11.74 -17.93 -21.51
C CYS B 78 -10.47 -18.32 -20.76
N ILE B 79 -9.55 -17.38 -20.61
CA ILE B 79 -8.29 -17.66 -19.93
C ILE B 79 -8.51 -17.67 -18.43
N THR B 80 -8.10 -18.76 -17.77
CA THR B 80 -8.37 -18.95 -16.36
C THR B 80 -7.13 -19.16 -15.52
N HIS B 81 -6.14 -19.92 -15.99
CA HIS B 81 -4.88 -20.09 -15.27
C HIS B 81 -3.76 -19.36 -15.98
N PHE B 82 -2.88 -18.75 -15.21
CA PHE B 82 -1.93 -17.76 -15.68
C PHE B 82 -0.48 -18.21 -15.48
N PRO B 83 0.48 -17.57 -16.15
CA PRO B 83 1.87 -17.99 -16.01
C PRO B 83 2.37 -17.81 -14.59
N ASN B 84 3.19 -18.75 -14.15
CA ASN B 84 3.64 -18.83 -12.77
C ASN B 84 4.65 -17.72 -12.49
N VAL B 85 4.17 -16.66 -11.82
CA VAL B 85 5.05 -15.56 -11.48
C VAL B 85 6.01 -15.93 -10.35
N TYR B 86 5.70 -16.96 -9.57
CA TYR B 86 6.47 -17.28 -8.38
C TYR B 86 7.60 -18.25 -8.65
N ALA B 87 8.00 -18.40 -9.91
CA ALA B 87 9.08 -19.30 -10.28
C ALA B 87 10.01 -18.61 -11.27
N ALA B 88 11.28 -18.98 -11.22
CA ALA B 88 12.26 -18.41 -12.12
C ALA B 88 12.08 -18.96 -13.53
N ARG B 89 12.22 -18.10 -14.51
CA ARG B 89 12.05 -18.50 -15.90
C ARG B 89 13.04 -19.61 -16.26
N GLY B 90 12.60 -20.47 -17.18
CA GLY B 90 13.45 -21.54 -17.66
C GLY B 90 13.65 -22.70 -16.71
N SER B 91 13.12 -22.62 -15.49
CA SER B 91 13.27 -23.71 -14.53
C SER B 91 12.28 -24.82 -14.88
N ALA B 92 12.17 -25.82 -14.00
CA ALA B 92 11.27 -26.95 -14.24
C ALA B 92 9.84 -26.61 -13.82
N GLU B 93 9.67 -26.14 -12.58
CA GLU B 93 8.34 -25.84 -12.08
C GLU B 93 7.62 -24.79 -12.91
N PHE B 94 8.37 -23.95 -13.63
CA PHE B 94 7.71 -23.02 -14.54
C PHE B 94 7.05 -23.74 -15.70
N GLN B 95 7.60 -24.87 -16.14
CA GLN B 95 6.99 -25.68 -17.17
C GLN B 95 6.00 -26.68 -16.61
N VAL B 96 6.02 -26.93 -15.30
CA VAL B 96 5.12 -27.90 -14.70
C VAL B 96 3.88 -27.28 -14.05
N THR B 97 3.91 -26.00 -13.70
CA THR B 97 2.87 -25.41 -12.86
C THR B 97 2.26 -24.17 -13.51
N ARG B 98 0.98 -23.94 -13.19
CA ARG B 98 0.29 -22.71 -13.53
C ARG B 98 -0.36 -22.15 -12.28
N VAL B 99 -0.54 -20.84 -12.23
CA VAL B 99 -1.11 -20.17 -11.07
C VAL B 99 -2.58 -19.93 -11.31
N VAL B 100 -3.38 -20.07 -10.25
CA VAL B 100 -4.81 -19.74 -10.28
C VAL B 100 -5.08 -18.75 -9.17
N ARG B 101 -5.64 -17.59 -9.52
CA ARG B 101 -5.83 -16.50 -8.57
C ARG B 101 -7.25 -16.49 -8.04
N VAL B 102 -7.39 -16.50 -6.73
CA VAL B 102 -8.65 -16.17 -6.06
C VAL B 102 -8.65 -14.66 -5.86
N PRO B 103 -9.59 -13.93 -6.43
CA PRO B 103 -9.47 -12.49 -6.56
C PRO B 103 -9.74 -11.79 -5.24
N ARG B 104 -9.66 -10.47 -5.27
CA ARG B 104 -10.05 -9.65 -4.14
C ARG B 104 -11.50 -9.24 -4.30
N ARG B 105 -12.25 -9.32 -3.20
CA ARG B 105 -13.66 -8.96 -3.19
C ARG B 105 -13.88 -7.74 -2.33
N PHE B 106 -15.05 -7.12 -2.48
CA PHE B 106 -15.37 -5.91 -1.75
C PHE B 106 -16.75 -5.89 -1.13
N ASP B 107 -17.62 -6.84 -1.44
CA ASP B 107 -19.02 -6.80 -1.01
C ASP B 107 -19.33 -7.85 0.05
N GLU B 108 -18.43 -8.02 1.01
CA GLU B 108 -18.63 -9.04 2.04
C GLU B 108 -18.64 -8.49 3.45
N SER B 109 -17.78 -7.53 3.76
CA SER B 109 -17.66 -7.04 5.14
C SER B 109 -17.49 -5.54 5.14
N ARG B 110 -17.76 -4.95 6.30
CA ARG B 110 -17.60 -3.50 6.45
C ARG B 110 -16.16 -3.07 6.33
N SER B 111 -15.20 -3.98 6.49
CA SER B 111 -13.79 -3.66 6.46
C SER B 111 -13.14 -4.04 5.15
N SER B 112 -13.92 -4.39 4.13
CA SER B 112 -13.33 -4.86 2.89
C SER B 112 -12.66 -3.76 2.08
N LEU B 113 -12.79 -2.50 2.49
CA LEU B 113 -12.14 -1.40 1.77
C LEU B 113 -10.81 -1.00 2.36
N GLU B 114 -10.69 -1.01 3.69
CA GLU B 114 -9.43 -0.60 4.31
C GLU B 114 -8.43 -1.76 4.32
N THR B 115 -8.88 -2.94 4.70
CA THR B 115 -8.12 -4.16 4.86
C THR B 115 -8.50 -5.14 3.75
N PRO B 116 -7.54 -5.86 3.19
CA PRO B 116 -7.87 -6.78 2.11
C PRO B 116 -8.73 -7.93 2.60
N GLN B 117 -9.70 -8.32 1.78
CA GLN B 117 -10.52 -9.50 2.03
C GLN B 117 -10.79 -10.19 0.72
N PHE B 118 -10.58 -11.50 0.68
CA PHE B 118 -10.65 -12.26 -0.56
C PHE B 118 -11.97 -13.00 -0.67
N SER B 119 -12.37 -13.27 -1.91
CA SER B 119 -13.63 -13.95 -2.15
C SER B 119 -13.58 -15.38 -1.63
N THR B 120 -14.68 -15.82 -1.05
CA THR B 120 -14.77 -17.16 -0.46
C THR B 120 -15.43 -18.15 -1.40
N GLN B 121 -15.48 -17.87 -2.68
CA GLN B 121 -16.12 -18.74 -3.66
C GLN B 121 -15.09 -19.23 -4.66
N LEU B 122 -15.35 -20.42 -5.19
CA LEU B 122 -14.50 -20.96 -6.23
C LEU B 122 -14.67 -20.13 -7.50
N PRO B 123 -13.58 -19.73 -8.16
CA PRO B 123 -13.71 -18.95 -9.40
C PRO B 123 -14.53 -19.69 -10.45
N GLY B 124 -15.71 -19.18 -10.75
CA GLY B 124 -16.62 -19.83 -11.65
C GLY B 124 -18.04 -19.85 -11.12
N SER B 125 -18.21 -19.45 -9.86
CA SER B 125 -19.51 -19.40 -9.23
C SER B 125 -19.93 -17.99 -8.84
N GLU B 126 -19.19 -16.98 -9.30
CA GLU B 126 -19.53 -15.60 -8.99
C GLU B 126 -20.89 -15.25 -9.58
N PRO B 127 -21.53 -14.19 -9.07
CA PRO B 127 -22.86 -13.82 -9.58
C PRO B 127 -22.85 -13.37 -11.03
N ALA B 128 -21.70 -12.97 -11.57
CA ALA B 128 -21.62 -12.50 -12.94
C ALA B 128 -20.56 -13.27 -13.71
N ALA B 129 -20.45 -14.56 -13.46
CA ALA B 129 -19.53 -15.42 -14.19
C ALA B 129 -20.27 -16.15 -15.30
N ILE B 130 -19.50 -16.54 -16.32
CA ILE B 130 -20.07 -17.27 -17.44
C ILE B 130 -20.38 -18.70 -17.02
N VAL B 131 -21.54 -19.19 -17.43
CA VAL B 131 -22.00 -20.54 -17.11
C VAL B 131 -22.01 -21.36 -18.38
N GLY B 132 -21.45 -22.57 -18.32
CA GLY B 132 -21.41 -23.48 -19.44
C GLY B 132 -22.42 -24.61 -19.31
N ASP B 133 -22.22 -25.63 -20.14
CA ASP B 133 -23.07 -26.81 -20.12
C ASP B 133 -22.57 -27.87 -19.16
N ASP B 134 -21.26 -27.97 -18.97
CA ASP B 134 -20.71 -28.94 -18.02
C ASP B 134 -21.09 -28.64 -16.58
N GLY B 135 -21.51 -27.40 -16.30
CA GLY B 135 -21.95 -27.05 -14.97
C GLY B 135 -20.88 -26.36 -14.14
N THR B 136 -20.29 -27.08 -13.20
CA THR B 136 -19.31 -26.51 -12.29
C THR B 136 -17.94 -27.16 -12.38
N SER B 137 -17.75 -28.12 -13.27
CA SER B 137 -16.45 -28.76 -13.45
C SER B 137 -15.72 -28.12 -14.63
N PHE B 138 -14.43 -28.47 -14.74
CA PHE B 138 -13.54 -27.87 -15.73
C PHE B 138 -13.27 -28.87 -16.84
N VAL B 139 -13.62 -28.50 -18.06
CA VAL B 139 -13.45 -29.37 -19.23
C VAL B 139 -12.63 -28.63 -20.27
N ARG B 140 -11.62 -29.29 -20.81
CA ARG B 140 -10.77 -28.68 -21.82
C ARG B 140 -11.57 -28.43 -23.11
N CYS B 141 -11.48 -27.22 -23.63
CA CYS B 141 -12.25 -26.80 -24.79
C CYS B 141 -11.39 -26.39 -25.97
N GLY B 142 -10.35 -25.58 -25.74
CA GLY B 142 -9.51 -25.09 -26.81
C GLY B 142 -8.10 -24.83 -26.33
N ARG B 143 -7.28 -24.32 -27.24
CA ARG B 143 -5.88 -24.00 -26.98
C ARG B 143 -5.57 -22.60 -27.49
N TYR B 144 -4.59 -21.99 -26.81
CA TYR B 144 -4.25 -20.58 -26.82
C TYR B 144 -2.73 -20.48 -26.69
N ASP B 145 -2.27 -19.41 -26.03
CA ASP B 145 -0.91 -18.89 -26.01
C ASP B 145 0.20 -19.92 -25.86
N ILE B 146 1.44 -19.49 -26.12
CA ILE B 146 2.64 -20.33 -26.20
C ILE B 146 2.68 -21.35 -25.07
N GLY B 147 3.21 -22.53 -25.37
CA GLY B 147 3.13 -23.64 -24.46
C GLY B 147 1.95 -24.57 -24.71
N ASP B 148 1.06 -24.19 -25.63
CA ASP B 148 -0.10 -24.99 -25.99
C ASP B 148 -0.92 -25.35 -24.76
N HIS B 149 -1.25 -24.32 -23.98
CA HIS B 149 -2.03 -24.51 -22.77
C HIS B 149 -3.49 -24.69 -23.11
N VAL B 150 -4.15 -25.61 -22.41
CA VAL B 150 -5.55 -25.93 -22.66
C VAL B 150 -6.41 -25.05 -21.77
N PHE B 151 -7.51 -24.54 -22.33
CA PHE B 151 -8.44 -23.73 -21.59
C PHE B 151 -9.86 -24.16 -21.93
N GLY B 152 -10.77 -23.99 -20.97
CA GLY B 152 -12.16 -24.30 -21.18
C GLY B 152 -12.96 -23.08 -21.63
N CYS B 153 -14.05 -23.33 -22.34
CA CYS B 153 -14.86 -22.27 -22.93
C CYS B 153 -15.88 -21.71 -21.95
N SER B 154 -15.68 -21.91 -20.65
CA SER B 154 -16.50 -21.31 -19.61
C SER B 154 -15.60 -20.55 -18.65
N SER B 155 -16.18 -20.01 -17.58
CA SER B 155 -15.40 -19.27 -16.60
C SER B 155 -14.96 -20.14 -15.43
N VAL B 156 -15.10 -21.45 -15.54
CA VAL B 156 -14.71 -22.34 -14.45
C VAL B 156 -13.19 -22.49 -14.43
N SER B 157 -12.66 -22.84 -13.26
CA SER B 157 -11.23 -22.88 -13.06
C SER B 157 -10.74 -24.29 -12.78
N PRO B 158 -9.53 -24.63 -13.23
CA PRO B 158 -8.99 -25.96 -12.96
C PRO B 158 -8.81 -26.26 -11.48
N LEU B 159 -8.86 -25.24 -10.62
CA LEU B 159 -8.87 -25.48 -9.18
C LEU B 159 -10.01 -26.39 -8.77
N SER B 160 -11.11 -26.38 -9.54
CA SER B 160 -12.25 -27.23 -9.25
C SER B 160 -11.88 -28.71 -9.31
N GLU B 161 -10.76 -29.06 -9.95
CA GLU B 161 -10.34 -30.45 -9.98
C GLU B 161 -9.73 -30.91 -8.67
N TYR B 162 -9.32 -29.98 -7.80
CA TYR B 162 -8.64 -30.35 -6.56
C TYR B 162 -9.47 -30.01 -5.34
N LEU B 163 -9.87 -28.76 -5.15
CA LEU B 163 -10.60 -28.37 -3.96
C LEU B 163 -12.11 -28.43 -4.21
N SER B 164 -12.86 -28.32 -3.13
CA SER B 164 -14.32 -28.20 -3.19
C SER B 164 -14.73 -26.86 -2.58
N ALA B 165 -16.02 -26.56 -2.75
CA ALA B 165 -16.52 -25.26 -2.30
C ALA B 165 -16.35 -25.09 -0.79
N ALA B 166 -16.70 -26.12 -0.01
CA ALA B 166 -16.61 -26.01 1.43
C ALA B 166 -15.17 -25.86 1.90
N GLU B 167 -14.26 -26.66 1.35
CA GLU B 167 -12.86 -26.57 1.74
C GLU B 167 -12.28 -25.21 1.39
N LEU B 168 -12.55 -24.72 0.18
CA LEU B 168 -12.04 -23.41 -0.21
C LEU B 168 -12.62 -22.32 0.69
N ALA B 169 -13.90 -22.41 1.01
CA ALA B 169 -14.51 -21.44 1.90
C ALA B 169 -13.82 -21.42 3.25
N GLU B 170 -13.54 -22.61 3.80
CA GLU B 170 -12.89 -22.67 5.11
C GLU B 170 -11.50 -22.06 5.06
N VAL B 171 -10.69 -22.46 4.07
CA VAL B 171 -9.31 -21.95 4.00
C VAL B 171 -9.33 -20.43 3.83
N VAL B 172 -10.16 -19.94 2.92
CA VAL B 172 -10.17 -18.52 2.64
C VAL B 172 -10.68 -17.74 3.85
N HIS B 173 -11.66 -18.29 4.57
CA HIS B 173 -12.16 -17.60 5.75
C HIS B 173 -11.09 -17.50 6.83
N ARG B 174 -10.33 -18.56 7.03
CA ARG B 174 -9.26 -18.52 8.02
C ARG B 174 -8.21 -17.47 7.64
N VAL B 175 -7.79 -17.46 6.37
CA VAL B 175 -6.77 -16.49 5.99
C VAL B 175 -7.31 -15.07 6.03
N ASN B 176 -8.61 -14.90 5.77
CA ASN B 176 -9.23 -13.59 5.93
C ASN B 176 -9.14 -13.11 7.36
N GLY B 177 -9.53 -13.98 8.30
CA GLY B 177 -9.46 -13.61 9.70
C GLY B 177 -8.05 -13.27 10.14
N PHE B 178 -7.08 -14.04 9.67
CA PHE B 178 -5.70 -13.78 10.05
C PHE B 178 -5.25 -12.42 9.53
N LEU B 179 -5.57 -12.10 8.27
CA LEU B 179 -5.19 -10.79 7.74
C LEU B 179 -5.84 -9.67 8.53
N LEU B 180 -7.11 -9.83 8.88
CA LEU B 180 -7.82 -8.78 9.59
C LEU B 180 -7.21 -8.53 10.96
N ARG B 181 -6.99 -9.59 11.74
CA ARG B 181 -6.41 -9.41 13.06
C ARG B 181 -4.93 -9.03 12.98
N GLU B 182 -4.28 -9.24 11.84
CA GLU B 182 -2.91 -8.77 11.68
C GLU B 182 -2.86 -7.26 11.47
N GLU B 183 -3.69 -6.75 10.57
CA GLU B 183 -3.72 -5.31 10.35
C GLU B 183 -4.26 -4.59 11.57
N GLY B 184 -5.32 -5.10 12.18
CA GLY B 184 -5.81 -4.54 13.43
C GLY B 184 -6.74 -3.37 13.23
N GLU B 185 -7.24 -2.88 14.35
CA GLU B 185 -8.18 -1.77 14.37
C GLU B 185 -7.45 -0.46 14.62
N VAL B 186 -8.08 0.64 14.19
CA VAL B 186 -7.45 1.95 14.30
C VAL B 186 -7.30 2.34 15.76
N PHE B 187 -8.40 2.37 16.50
CA PHE B 187 -8.38 2.75 17.90
C PHE B 187 -8.24 1.51 18.79
N GLY B 188 -7.21 0.72 18.50
CA GLY B 188 -6.88 -0.43 19.31
C GLY B 188 -5.55 -0.22 20.01
N TRP B 189 -5.26 -1.00 21.05
CA TRP B 189 -4.09 -0.65 21.85
C TRP B 189 -2.80 -0.92 21.10
N ARG B 190 -2.76 -1.97 20.28
CA ARG B 190 -1.56 -2.23 19.47
C ARG B 190 -1.16 -0.99 18.70
N ASN B 191 -2.04 -0.52 17.83
CA ASN B 191 -1.71 0.61 16.97
C ASN B 191 -1.53 1.90 17.76
N LEU B 192 -2.39 2.14 18.76
CA LEU B 192 -2.31 3.41 19.46
C LEU B 192 -1.05 3.51 20.31
N SER B 193 -0.68 2.43 21.00
CA SER B 193 0.56 2.43 21.75
C SER B 193 1.74 2.60 20.83
N GLY B 194 1.78 1.84 19.72
CA GLY B 194 2.84 2.03 18.74
C GLY B 194 2.97 3.48 18.33
N LEU B 195 1.85 4.10 17.95
CA LEU B 195 1.91 5.47 17.44
C LEU B 195 2.28 6.46 18.53
N LEU B 196 1.83 6.24 19.75
CA LEU B 196 2.13 7.17 20.83
C LEU B 196 3.60 7.15 21.17
N LEU B 197 4.18 5.96 21.36
CA LEU B 197 5.60 5.92 21.67
C LEU B 197 6.44 6.37 20.47
N ASP B 198 5.95 6.15 19.26
CA ASP B 198 6.63 6.66 18.08
C ASP B 198 6.66 8.17 18.07
N MET B 199 5.52 8.80 18.35
CA MET B 199 5.44 10.25 18.42
C MET B 199 6.30 10.80 19.55
N LEU B 200 6.46 10.03 20.62
CA LEU B 200 7.28 10.48 21.73
C LEU B 200 8.75 10.46 21.37
N THR B 201 9.24 9.35 20.82
CA THR B 201 10.67 9.22 20.51
C THR B 201 11.02 9.66 19.10
N GLY B 202 10.19 10.47 18.48
CA GLY B 202 10.46 11.02 17.17
C GLY B 202 10.15 10.09 16.02
N GLY B 203 11.04 9.15 15.74
CA GLY B 203 10.75 8.13 14.76
C GLY B 203 11.46 6.84 15.09
N LEU B 204 12.06 6.78 16.27
CA LEU B 204 13.11 5.80 16.52
C LEU B 204 12.59 4.48 17.09
N TRP B 205 11.44 4.48 17.77
CA TRP B 205 11.03 3.25 18.45
C TRP B 205 10.64 2.18 17.46
N SER B 206 9.96 2.54 16.38
CA SER B 206 9.66 1.54 15.36
C SER B 206 10.86 1.23 14.48
N TRP B 207 11.90 2.07 14.50
CA TRP B 207 13.03 1.89 13.60
C TRP B 207 14.14 1.04 14.21
N VAL B 208 14.71 1.48 15.33
CA VAL B 208 15.89 0.84 15.90
C VAL B 208 15.66 0.37 17.32
N LEU B 209 15.03 1.19 18.15
CA LEU B 209 15.02 0.91 19.58
C LEU B 209 14.02 -0.17 19.95
N GLY B 210 12.88 -0.20 19.27
CA GLY B 210 11.83 -1.16 19.56
C GLY B 210 12.18 -2.61 19.33
N PRO B 211 12.70 -2.94 18.14
CA PRO B 211 12.99 -4.35 17.84
C PRO B 211 13.91 -5.02 18.85
N LEU B 212 14.74 -4.24 19.54
CA LEU B 212 15.70 -4.83 20.47
C LEU B 212 15.03 -5.36 21.73
N LEU B 213 13.85 -4.84 22.07
CA LEU B 213 13.34 -4.99 23.43
C LEU B 213 12.22 -6.01 23.58
N SER B 214 11.35 -6.19 22.58
CA SER B 214 10.14 -6.97 22.75
C SER B 214 10.04 -8.05 21.68
N ARG B 215 9.97 -9.30 22.12
CA ARG B 215 9.80 -10.45 21.23
C ARG B 215 8.36 -10.70 20.78
N PRO B 216 7.41 -10.89 21.68
CA PRO B 216 6.14 -11.54 21.29
C PRO B 216 5.07 -10.62 20.71
N VAL B 217 5.40 -9.38 20.33
CA VAL B 217 4.41 -8.51 19.70
C VAL B 217 4.25 -8.79 18.22
N PHE B 218 5.13 -9.60 17.64
CA PHE B 218 5.09 -9.96 16.23
C PHE B 218 4.48 -11.34 16.00
N GLN B 219 3.49 -11.71 16.81
CA GLN B 219 3.01 -13.09 16.78
C GLN B 219 2.02 -13.36 15.66
N GLU B 220 1.36 -12.33 15.13
CA GLU B 220 0.32 -12.59 14.13
C GLU B 220 0.93 -12.88 12.75
N SER B 221 2.01 -12.19 12.40
CA SER B 221 2.69 -12.49 11.13
C SER B 221 3.15 -13.94 11.11
N LEU B 222 3.87 -14.36 12.16
CA LEU B 222 4.30 -15.75 12.22
C LEU B 222 3.12 -16.69 12.37
N ALA B 223 2.00 -16.22 12.93
CA ALA B 223 0.81 -17.06 13.02
C ALA B 223 0.26 -17.38 11.63
N LEU B 224 0.06 -16.34 10.81
CA LEU B 224 -0.41 -16.57 9.45
C LEU B 224 0.59 -17.40 8.65
N GLU B 225 1.89 -17.15 8.85
CA GLU B 225 2.90 -17.93 8.17
C GLU B 225 2.80 -19.40 8.56
N GLN B 226 2.63 -19.68 9.85
CA GLN B 226 2.53 -21.06 10.30
C GLN B 226 1.27 -21.72 9.75
N TYR B 227 0.16 -20.98 9.70
CA TYR B 227 -1.08 -21.57 9.19
C TYR B 227 -0.95 -21.94 7.73
N VAL B 228 -0.40 -21.04 6.91
CA VAL B 228 -0.24 -21.33 5.49
C VAL B 228 0.76 -22.46 5.29
N ALA B 229 1.88 -22.42 6.03
CA ALA B 229 2.89 -23.46 5.88
C ALA B 229 2.34 -24.82 6.32
N GLN B 230 1.39 -24.83 7.25
CA GLN B 230 0.80 -26.09 7.68
C GLN B 230 -0.22 -26.60 6.66
N LEU B 231 -0.99 -25.70 6.05
CA LEU B 231 -1.86 -26.12 4.95
C LEU B 231 -1.05 -26.65 3.78
N ASN B 232 0.16 -26.14 3.59
CA ASN B 232 1.03 -26.54 2.50
C ASN B 232 1.83 -27.80 2.81
N SER B 233 2.15 -28.03 4.09
CA SER B 233 3.07 -29.07 4.49
C SER B 233 2.42 -30.45 4.40
N PRO B 234 3.22 -31.51 4.33
CA PRO B 234 2.66 -32.86 4.24
C PRO B 234 1.71 -33.15 5.39
N GLY B 235 0.58 -33.76 5.06
CA GLY B 235 -0.50 -33.96 6.00
C GLY B 235 -1.56 -32.88 5.96
N GLY B 236 -1.53 -31.99 4.97
CA GLY B 236 -2.49 -30.91 4.89
C GLY B 236 -3.44 -31.04 3.73
N LEU B 237 -4.57 -30.32 3.82
CA LEU B 237 -5.60 -30.39 2.79
C LEU B 237 -5.06 -30.03 1.43
N LEU B 238 -4.40 -28.87 1.33
CA LEU B 238 -3.86 -28.45 0.03
C LEU B 238 -2.72 -29.36 -0.40
N HIS B 239 -1.90 -29.81 0.55
CA HIS B 239 -0.74 -30.61 0.20
C HIS B 239 -1.13 -31.93 -0.43
N GLU B 240 -2.06 -32.66 0.20
CA GLU B 240 -2.41 -33.98 -0.31
C GLU B 240 -2.90 -33.91 -1.74
N ARG B 241 -3.66 -32.87 -2.09
CA ARG B 241 -4.33 -32.81 -3.37
C ARG B 241 -3.44 -32.33 -4.51
N GLY B 242 -2.24 -31.82 -4.22
CA GLY B 242 -1.35 -31.35 -5.25
C GLY B 242 -1.38 -29.86 -5.50
N VAL B 243 -1.91 -29.06 -4.58
CA VAL B 243 -2.05 -27.63 -4.74
C VAL B 243 -1.21 -26.95 -3.66
N ARG B 244 -0.45 -25.94 -4.05
CA ARG B 244 0.36 -25.20 -3.09
C ARG B 244 -0.14 -23.78 -2.97
N LEU B 245 -0.19 -23.26 -1.75
CA LEU B 245 -0.60 -21.89 -1.50
C LEU B 245 0.63 -21.03 -1.23
N VAL B 246 0.49 -19.73 -1.46
CA VAL B 246 1.58 -18.78 -1.23
C VAL B 246 1.11 -17.74 -0.23
N LEU B 247 2.02 -17.28 0.61
CA LEU B 247 1.67 -16.31 1.63
C LEU B 247 1.14 -15.05 0.99
N PRO B 248 0.02 -14.50 1.46
CA PRO B 248 -0.40 -13.18 0.98
C PRO B 248 0.60 -12.09 1.26
N ARG B 249 1.62 -12.36 2.09
CA ARG B 249 2.67 -11.36 2.28
C ARG B 249 3.59 -11.29 1.08
N ARG B 250 3.87 -12.42 0.44
CA ARG B 250 4.73 -12.42 -0.74
C ARG B 250 4.01 -11.82 -1.93
N SER B 251 2.80 -12.30 -2.20
CA SER B 251 2.07 -11.84 -3.37
C SER B 251 1.37 -10.52 -3.09
N GLY B 252 2.08 -9.57 -2.50
CA GLY B 252 1.58 -8.21 -2.33
C GLY B 252 0.24 -8.05 -1.68
N CYS B 253 -0.36 -9.15 -1.20
CA CYS B 253 -1.68 -9.10 -0.59
C CYS B 253 -2.67 -8.37 -1.49
N LEU B 254 -2.61 -8.66 -2.79
CA LEU B 254 -3.60 -8.16 -3.73
C LEU B 254 -4.19 -9.28 -4.57
N SER B 255 -3.96 -10.54 -4.19
CA SER B 255 -4.65 -11.69 -4.74
C SER B 255 -4.21 -12.93 -3.97
N LEU B 256 -5.09 -13.92 -3.82
CA LEU B 256 -4.73 -15.14 -3.10
C LEU B 256 -4.40 -16.20 -4.14
N ASP B 257 -3.13 -16.54 -4.28
CA ASP B 257 -2.71 -17.37 -5.40
C ASP B 257 -2.57 -18.83 -4.97
N PHE B 258 -2.94 -19.73 -5.87
CA PHE B 258 -2.78 -21.17 -5.70
C PHE B 258 -1.96 -21.66 -6.88
N VAL B 259 -0.72 -22.06 -6.63
CA VAL B 259 0.07 -22.66 -7.69
C VAL B 259 -0.34 -24.11 -7.80
N VAL B 260 -0.90 -24.48 -8.94
CA VAL B 260 -1.42 -25.81 -9.20
C VAL B 260 -0.57 -26.43 -10.31
N PRO B 261 -0.59 -27.75 -10.50
CA PRO B 261 0.12 -28.32 -11.65
C PRO B 261 -0.47 -27.78 -12.94
N ARG B 262 0.39 -27.57 -13.94
CA ARG B 262 -0.03 -27.07 -15.23
C ARG B 262 -1.08 -28.02 -15.79
N PRO B 263 -2.33 -27.59 -15.92
CA PRO B 263 -3.38 -28.51 -16.32
C PRO B 263 -3.20 -28.98 -17.74
N LYS B 264 -3.64 -30.21 -18.00
CA LYS B 264 -3.56 -30.79 -19.32
C LYS B 264 -4.93 -31.19 -19.83
C1 PLM C . 6.74 17.65 1.00
O2 PLM C . 5.88 17.87 0.09
C2 PLM C . 6.81 18.50 2.35
C3 PLM C . 8.20 18.89 2.90
C4 PLM C . 8.17 19.87 4.09
C5 PLM C . 9.04 21.12 3.92
C6 PLM C . 8.95 22.14 5.08
C7 PLM C . 10.27 22.85 5.45
C8 PLM C . 10.97 22.29 6.71
C9 PLM C . 11.54 23.36 7.66
CA PLM C . 12.11 22.75 8.95
CB PLM C . 12.47 23.76 10.05
CC PLM C . 13.11 23.12 11.29
CD PLM C . 13.47 24.13 12.40
CE PLM C . 14.31 23.55 13.54
ZN ZN D . 7.74 9.08 -5.90
ZN ZN E . 2.40 0.98 -11.51
#